data_8GH1
#
_entry.id   8GH1
#
_cell.length_a   1.00
_cell.length_b   1.00
_cell.length_c   1.00
_cell.angle_alpha   90.00
_cell.angle_beta   90.00
_cell.angle_gamma   90.00
#
_symmetry.space_group_name_H-M   'P 1'
#
loop_
_entity.id
_entity.type
_entity.pdbx_description
1 polymer 'Beta-2 adrenergic receptor'
2 non-polymer (5R,6R)-6-(methylamino)-5,6,7,8-tetrahydronaphthalene-1,2,5-triol
#
_entity_poly.entity_id   1
_entity_poly.type   'polypeptide(L)'
_entity_poly.pdbx_seq_one_letter_code
;MKTIIALSYIFCLVFADYKDDDDAMGQPGNGSAFLLAPNRSHAPDHDVENLYFQGTQQRDEVWVVGMGIVMSLIVLAIVF
GNVLVITAIAKFERLQTVTNYFITSLACADLVMGLAVVPFGAAHILTKTWTFGNFWCEFWTSIDVLCVTASIETLCVIAV
DRYFAITSPFKYQSLLTKNKARVIILMVWIVSGLTSFLPIQMHWYRATHQEAINCYAEETCCDFFTNQAYAIASSIVSFY
VPLVIMVFVYSRVFQEAKRQLQKIDKSEGRFHVQNLSQVEQDGRTGHGLRRSSKFCLKEHKALKTLGIIMGTFTLCWLPF
FIVNIVHVIQDNLIRKEVYILLNWIGYVNSGFNPLIYCRSPDFRIAFQELLCLRRSSLKAYGNGYSSNGNTGEQSGLEVL
FQGPYHVEQEKENKLLAEDLPGTEDFVGHQGTVPSDNIDSQGRNASTNDSLLETSQVAPA
;
_entity_poly.pdbx_strand_id   R
#
loop_
_chem_comp.id
_chem_comp.type
_chem_comp.name
_chem_comp.formula
G1I non-polymer (5R,6R)-6-(methylamino)-5,6,7,8-tetrahydronaphthalene-1,2,5-triol 'C11 H15 N O3'
#
# COMPACT_ATOMS: atom_id res chain seq x y z
N VAL A 62 1.60 -31.08 12.62
CA VAL A 62 1.21 -30.23 13.73
C VAL A 62 1.37 -28.76 13.35
N TRP A 63 2.17 -28.51 12.31
CA TRP A 63 2.39 -27.15 11.86
C TRP A 63 1.19 -26.59 11.09
N VAL A 64 0.34 -27.46 10.55
CA VAL A 64 -0.81 -26.99 9.76
C VAL A 64 -1.75 -26.17 10.65
N VAL A 65 -2.05 -26.68 11.84
CA VAL A 65 -2.88 -25.92 12.77
C VAL A 65 -2.15 -24.67 13.24
N GLY A 66 -0.83 -24.77 13.42
CA GLY A 66 -0.07 -23.63 13.92
C GLY A 66 -0.09 -22.45 12.98
N MET A 67 0.15 -22.70 11.69
CA MET A 67 0.14 -21.61 10.72
C MET A 67 -1.27 -21.10 10.44
N GLY A 68 -2.29 -21.92 10.66
CA GLY A 68 -3.66 -21.48 10.41
C GLY A 68 -4.11 -20.39 11.36
N ILE A 69 -3.66 -20.43 12.61
CA ILE A 69 -4.11 -19.47 13.62
C ILE A 69 -3.68 -18.06 13.23
N VAL A 70 -2.43 -17.89 12.81
CA VAL A 70 -1.93 -16.55 12.49
C VAL A 70 -2.66 -15.98 11.28
N MET A 71 -2.89 -16.81 10.25
CA MET A 71 -3.60 -16.34 9.07
C MET A 71 -5.03 -15.95 9.42
N SER A 72 -5.70 -16.75 10.25
CA SER A 72 -7.06 -16.41 10.66
C SER A 72 -7.10 -15.11 11.45
N LEU A 73 -6.15 -14.92 12.36
CA LEU A 73 -6.11 -13.68 13.13
C LEU A 73 -5.87 -12.47 12.23
N ILE A 74 -4.96 -12.60 11.26
CA ILE A 74 -4.68 -11.50 10.34
C ILE A 74 -5.92 -11.18 9.52
N VAL A 75 -6.61 -12.22 9.02
CA VAL A 75 -7.81 -12.01 8.22
C VAL A 75 -8.89 -11.32 9.04
N LEU A 76 -9.07 -11.76 10.29
CA LEU A 76 -10.09 -11.15 11.14
C LEU A 76 -9.75 -9.69 11.45
N ALA A 77 -8.47 -9.39 11.66
CA ALA A 77 -8.07 -8.03 12.02
C ALA A 77 -8.11 -7.07 10.84
N ILE A 78 -7.80 -7.55 9.64
CA ILE A 78 -7.68 -6.65 8.49
C ILE A 78 -9.01 -5.96 8.19
N VAL A 79 -10.10 -6.74 8.17
CA VAL A 79 -11.40 -6.17 7.84
C VAL A 79 -11.89 -5.25 8.94
N PHE A 80 -11.62 -5.62 10.21
CA PHE A 80 -12.08 -4.80 11.33
C PHE A 80 -11.28 -3.51 11.43
N GLY A 81 -10.05 -3.49 10.90
CA GLY A 81 -9.27 -2.26 10.92
C GLY A 81 -9.72 -1.24 9.90
N ASN A 82 -10.61 -1.59 8.99
CA ASN A 82 -11.14 -0.67 7.99
C ASN A 82 -12.63 -0.44 8.12
N VAL A 83 -13.39 -1.42 8.59
CA VAL A 83 -14.84 -1.22 8.76
C VAL A 83 -15.10 -0.11 9.77
N LEU A 84 -14.36 -0.11 10.87
CA LEU A 84 -14.56 0.91 11.90
C LEU A 84 -14.31 2.30 11.36
N VAL A 85 -13.19 2.49 10.65
CA VAL A 85 -12.86 3.83 10.14
C VAL A 85 -13.86 4.26 9.08
N ILE A 86 -14.27 3.34 8.19
CA ILE A 86 -15.23 3.70 7.15
C ILE A 86 -16.56 4.11 7.78
N THR A 87 -17.05 3.32 8.75
CA THR A 87 -18.33 3.63 9.37
C THR A 87 -18.25 4.94 10.17
N ALA A 88 -17.15 5.16 10.87
CA ALA A 88 -17.02 6.38 11.66
C ALA A 88 -16.97 7.61 10.77
N ILE A 89 -16.21 7.57 9.68
CA ILE A 89 -16.13 8.72 8.79
C ILE A 89 -17.39 8.87 7.94
N ALA A 90 -18.22 7.83 7.85
CA ALA A 90 -19.42 7.92 7.03
C ALA A 90 -20.49 8.79 7.68
N LYS A 91 -20.72 8.63 8.97
CA LYS A 91 -21.87 9.22 9.65
C LYS A 91 -21.45 10.21 10.72
N PHE A 92 -20.38 10.97 10.48
CA PHE A 92 -19.95 12.02 11.38
C PHE A 92 -19.55 13.24 10.57
N GLU A 93 -20.26 14.36 10.80
CA GLU A 93 -20.03 15.56 10.01
C GLU A 93 -18.65 16.16 10.28
N ARG A 94 -18.22 16.17 11.54
CA ARG A 94 -16.98 16.86 11.90
C ARG A 94 -15.77 16.24 11.22
N LEU A 95 -15.72 14.91 11.14
CA LEU A 95 -14.56 14.23 10.59
C LEU A 95 -14.38 14.46 9.10
N GLN A 96 -15.39 14.99 8.41
CA GLN A 96 -15.29 15.20 6.97
C GLN A 96 -14.37 16.38 6.68
N THR A 97 -13.38 16.17 5.81
CA THR A 97 -12.45 17.20 5.40
C THR A 97 -11.83 16.80 4.08
N VAL A 98 -10.95 17.66 3.56
CA VAL A 98 -10.36 17.42 2.24
C VAL A 98 -9.45 16.20 2.26
N THR A 99 -8.59 16.08 3.29
CA THR A 99 -7.73 14.91 3.40
C THR A 99 -8.51 13.66 3.77
N ASN A 100 -9.73 13.83 4.27
CA ASN A 100 -10.56 12.68 4.62
C ASN A 100 -10.88 11.84 3.40
N TYR A 101 -11.04 12.47 2.22
CA TYR A 101 -11.29 11.71 1.02
C TYR A 101 -10.12 10.79 0.69
N PHE A 102 -8.89 11.30 0.80
CA PHE A 102 -7.72 10.45 0.56
C PHE A 102 -7.62 9.36 1.61
N ILE A 103 -7.93 9.69 2.87
CA ILE A 103 -7.91 8.68 3.92
C ILE A 103 -8.91 7.57 3.62
N THR A 104 -10.11 7.94 3.17
CA THR A 104 -11.11 6.94 2.82
C THR A 104 -10.68 6.11 1.62
N SER A 105 -10.02 6.74 0.65
CA SER A 105 -9.51 5.98 -0.50
C SER A 105 -8.52 4.92 -0.04
N LEU A 106 -7.58 5.31 0.82
CA LEU A 106 -6.61 4.35 1.33
C LEU A 106 -7.28 3.24 2.13
N ALA A 107 -8.25 3.62 2.98
CA ALA A 107 -8.93 2.63 3.80
C ALA A 107 -9.73 1.64 2.94
N CYS A 108 -10.40 2.15 1.91
CA CYS A 108 -11.16 1.27 1.02
C CYS A 108 -10.25 0.35 0.24
N ALA A 109 -9.10 0.85 -0.21
CA ALA A 109 -8.14 -0.02 -0.89
C ALA A 109 -7.65 -1.12 0.05
N ASP A 110 -7.32 -0.76 1.30
CA ASP A 110 -6.88 -1.76 2.26
C ASP A 110 -7.98 -2.79 2.54
N LEU A 111 -9.22 -2.34 2.66
CA LEU A 111 -10.33 -3.25 2.90
C LEU A 111 -10.52 -4.21 1.73
N VAL A 112 -10.45 -3.70 0.51
CA VAL A 112 -10.59 -4.55 -0.67
C VAL A 112 -9.47 -5.58 -0.71
N MET A 113 -8.23 -5.14 -0.45
CA MET A 113 -7.11 -6.06 -0.42
C MET A 113 -7.33 -7.17 0.61
N GLY A 114 -7.65 -6.79 1.85
CA GLY A 114 -7.80 -7.77 2.91
C GLY A 114 -8.97 -8.72 2.68
N LEU A 115 -10.04 -8.22 2.07
CA LEU A 115 -11.20 -9.06 1.82
C LEU A 115 -11.00 -9.99 0.63
N ALA A 116 -10.17 -9.59 -0.35
CA ALA A 116 -10.05 -10.34 -1.59
C ALA A 116 -8.83 -11.25 -1.62
N VAL A 117 -7.63 -10.68 -1.49
CA VAL A 117 -6.43 -11.45 -1.83
C VAL A 117 -5.87 -12.23 -0.63
N VAL A 118 -5.96 -11.68 0.59
CA VAL A 118 -5.39 -12.37 1.74
C VAL A 118 -6.06 -13.71 2.02
N PRO A 119 -7.40 -13.82 2.04
CA PRO A 119 -7.98 -15.14 2.36
C PRO A 119 -7.66 -16.21 1.32
N PHE A 120 -7.81 -15.90 0.04
CA PHE A 120 -7.54 -16.90 -0.99
C PHE A 120 -6.05 -17.26 -1.04
N GLY A 121 -5.18 -16.26 -0.88
CA GLY A 121 -3.76 -16.54 -0.83
C GLY A 121 -3.37 -17.41 0.35
N ALA A 122 -3.97 -17.14 1.52
CA ALA A 122 -3.72 -17.96 2.69
C ALA A 122 -4.24 -19.38 2.48
N ALA A 123 -5.39 -19.52 1.83
CA ALA A 123 -5.90 -20.85 1.51
C ALA A 123 -4.94 -21.59 0.58
N HIS A 124 -4.43 -20.90 -0.44
CA HIS A 124 -3.47 -21.51 -1.35
C HIS A 124 -2.21 -21.95 -0.63
N ILE A 125 -1.68 -21.10 0.25
CA ILE A 125 -0.45 -21.45 0.97
C ILE A 125 -0.69 -22.62 1.90
N LEU A 126 -1.79 -22.59 2.65
CA LEU A 126 -2.05 -23.63 3.63
C LEU A 126 -2.38 -24.97 2.97
N THR A 127 -3.14 -24.95 1.89
CA THR A 127 -3.50 -26.18 1.22
C THR A 127 -2.33 -26.69 0.38
N LYS A 128 -2.42 -27.97 -0.01
CA LYS A 128 -1.36 -28.56 -0.81
C LYS A 128 -1.36 -28.05 -2.23
N THR A 129 -2.54 -27.95 -2.85
CA THR A 129 -2.64 -27.54 -4.25
C THR A 129 -3.88 -26.68 -4.45
N TRP A 130 -3.86 -25.87 -5.51
CA TRP A 130 -4.95 -24.96 -5.79
C TRP A 130 -6.22 -25.73 -6.11
N THR A 131 -7.37 -25.16 -5.78
CA THR A 131 -8.63 -25.88 -5.81
C THR A 131 -9.33 -25.80 -7.17
N PHE A 132 -9.68 -24.60 -7.60
CA PHE A 132 -10.55 -24.39 -8.75
C PHE A 132 -9.74 -24.01 -9.99
N GLY A 133 -10.43 -23.61 -11.05
CA GLY A 133 -9.79 -23.38 -12.32
C GLY A 133 -8.90 -22.14 -12.32
N ASN A 134 -8.16 -21.99 -13.43
CA ASN A 134 -7.22 -20.89 -13.59
C ASN A 134 -7.84 -19.65 -14.21
N PHE A 135 -9.12 -19.68 -14.55
CA PHE A 135 -9.76 -18.54 -15.21
C PHE A 135 -9.75 -17.31 -14.31
N TRP A 136 -10.05 -17.49 -13.02
CA TRP A 136 -10.13 -16.37 -12.11
C TRP A 136 -8.77 -15.91 -11.60
N CYS A 137 -7.74 -16.75 -11.76
CA CYS A 137 -6.41 -16.44 -11.22
C CYS A 137 -5.81 -15.19 -11.85
N GLU A 138 -6.06 -14.96 -13.14
CA GLU A 138 -5.49 -13.82 -13.82
C GLU A 138 -5.88 -12.52 -13.13
N PHE A 139 -7.18 -12.30 -12.93
CA PHE A 139 -7.53 -11.06 -12.27
C PHE A 139 -7.42 -11.14 -10.76
N TRP A 140 -7.25 -12.34 -10.18
CA TRP A 140 -6.81 -12.40 -8.79
C TRP A 140 -5.46 -11.70 -8.63
N THR A 141 -4.48 -12.10 -9.45
CA THR A 141 -3.18 -11.45 -9.43
C THR A 141 -3.30 -9.98 -9.83
N SER A 142 -4.16 -9.68 -10.80
CA SER A 142 -4.34 -8.30 -11.24
C SER A 142 -4.89 -7.43 -10.12
N ILE A 143 -5.86 -7.94 -9.36
CA ILE A 143 -6.40 -7.19 -8.23
C ILE A 143 -5.33 -6.98 -7.17
N ASP A 144 -4.51 -8.00 -6.93
CA ASP A 144 -3.42 -7.85 -5.97
C ASP A 144 -2.49 -6.70 -6.36
N VAL A 145 -2.00 -6.72 -7.61
CA VAL A 145 -1.06 -5.69 -8.02
C VAL A 145 -1.75 -4.32 -8.07
N LEU A 146 -3.02 -4.29 -8.47
CA LEU A 146 -3.75 -3.03 -8.52
C LEU A 146 -3.88 -2.40 -7.14
N CYS A 147 -4.25 -3.19 -6.14
CA CYS A 147 -4.41 -2.63 -4.80
C CYS A 147 -3.08 -2.19 -4.22
N VAL A 148 -2.01 -2.95 -4.47
CA VAL A 148 -0.69 -2.54 -3.99
C VAL A 148 -0.31 -1.19 -4.59
N THR A 149 -0.45 -1.07 -5.92
CA THR A 149 -0.10 0.18 -6.59
C THR A 149 -0.97 1.34 -6.09
N ALA A 150 -2.27 1.08 -5.91
CA ALA A 150 -3.16 2.13 -5.43
C ALA A 150 -2.76 2.63 -4.05
N SER A 151 -2.41 1.71 -3.15
CA SER A 151 -1.98 2.12 -1.81
C SER A 151 -0.71 2.96 -1.88
N ILE A 152 0.27 2.51 -2.67
CA ILE A 152 1.54 3.23 -2.74
C ILE A 152 1.31 4.64 -3.29
N GLU A 153 0.53 4.74 -4.37
CA GLU A 153 0.30 6.05 -4.98
C GLU A 153 -0.54 6.95 -4.09
N THR A 154 -1.48 6.39 -3.33
CA THR A 154 -2.24 7.20 -2.38
C THR A 154 -1.34 7.78 -1.31
N LEU A 155 -0.40 6.98 -0.80
CA LEU A 155 0.54 7.53 0.18
C LEU A 155 1.39 8.62 -0.43
N CYS A 156 1.83 8.43 -1.68
CA CYS A 156 2.60 9.47 -2.35
C CYS A 156 1.81 10.77 -2.47
N VAL A 157 0.54 10.67 -2.89
CA VAL A 157 -0.24 11.89 -3.10
C VAL A 157 -0.58 12.58 -1.78
N ILE A 158 -0.81 11.82 -0.71
CA ILE A 158 -1.05 12.49 0.56
C ILE A 158 0.22 13.18 1.07
N ALA A 159 1.40 12.58 0.81
CA ALA A 159 2.64 13.27 1.16
C ALA A 159 2.79 14.57 0.39
N VAL A 160 2.47 14.54 -0.92
CA VAL A 160 2.55 15.76 -1.72
C VAL A 160 1.56 16.81 -1.19
N ASP A 161 0.37 16.36 -0.78
CA ASP A 161 -0.61 17.27 -0.21
C ASP A 161 -0.08 17.93 1.06
N ARG A 162 0.57 17.15 1.93
CA ARG A 162 1.16 17.73 3.13
C ARG A 162 2.23 18.76 2.78
N TYR A 163 3.06 18.45 1.78
CA TYR A 163 4.09 19.39 1.37
C TYR A 163 3.49 20.69 0.88
N PHE A 164 2.43 20.61 0.06
CA PHE A 164 1.75 21.83 -0.38
C PHE A 164 1.13 22.57 0.80
N ALA A 165 0.61 21.85 1.79
CA ALA A 165 -0.02 22.49 2.93
C ALA A 165 0.99 23.30 3.73
N ILE A 166 2.18 22.75 3.96
CA ILE A 166 3.14 23.43 4.83
C ILE A 166 3.73 24.66 4.13
N THR A 167 4.21 24.49 2.89
CA THR A 167 5.07 25.50 2.29
C THR A 167 4.33 26.80 2.02
N SER A 168 3.18 26.72 1.34
CA SER A 168 2.47 27.92 0.88
C SER A 168 1.10 28.01 1.55
N PRO A 169 0.97 28.80 2.61
CA PRO A 169 -0.32 28.85 3.32
C PRO A 169 -1.38 29.65 2.60
N PHE A 170 -1.00 30.79 2.01
CA PHE A 170 -1.99 31.64 1.35
C PHE A 170 -2.58 30.97 0.12
N LYS A 171 -1.75 30.29 -0.67
CA LYS A 171 -2.26 29.64 -1.87
C LYS A 171 -3.13 28.45 -1.58
N TYR A 172 -2.88 27.76 -0.45
CA TYR A 172 -3.60 26.52 -0.15
C TYR A 172 -5.09 26.73 -0.06
N GLN A 173 -5.53 27.93 0.35
CA GLN A 173 -6.96 28.18 0.51
C GLN A 173 -7.69 28.05 -0.82
N SER A 174 -7.10 28.56 -1.90
CA SER A 174 -7.74 28.55 -3.21
C SER A 174 -7.11 27.56 -4.19
N LEU A 175 -5.95 26.99 -3.87
CA LEU A 175 -5.33 26.03 -4.78
C LEU A 175 -6.11 24.73 -4.83
N LEU A 176 -6.49 24.20 -3.67
CA LEU A 176 -7.17 22.91 -3.58
C LEU A 176 -8.61 23.12 -3.17
N THR A 177 -9.53 22.50 -3.91
CA THR A 177 -10.95 22.57 -3.63
C THR A 177 -11.52 21.16 -3.54
N LYS A 178 -12.67 21.04 -2.87
CA LYS A 178 -13.31 19.74 -2.74
C LYS A 178 -13.67 19.16 -4.11
N ASN A 179 -14.18 20.00 -5.01
CA ASN A 179 -14.48 19.54 -6.35
C ASN A 179 -13.22 19.08 -7.08
N LYS A 180 -12.15 19.87 -6.99
CA LYS A 180 -10.93 19.55 -7.72
C LYS A 180 -10.17 18.38 -7.10
N ALA A 181 -10.36 18.14 -5.80
CA ALA A 181 -9.62 17.07 -5.14
C ALA A 181 -10.04 15.70 -5.64
N ARG A 182 -11.31 15.52 -5.98
CA ARG A 182 -11.79 14.21 -6.41
C ARG A 182 -11.11 13.74 -7.69
N VAL A 183 -10.68 14.69 -8.54
CA VAL A 183 -10.10 14.33 -9.83
C VAL A 183 -8.81 13.52 -9.63
N ILE A 184 -8.01 13.89 -8.63
CA ILE A 184 -6.72 13.22 -8.42
C ILE A 184 -6.94 11.75 -8.07
N ILE A 185 -7.88 11.47 -7.16
CA ILE A 185 -8.13 10.10 -6.73
C ILE A 185 -8.64 9.27 -7.91
N LEU A 186 -9.57 9.83 -8.69
CA LEU A 186 -10.09 9.10 -9.85
C LEU A 186 -8.99 8.82 -10.86
N MET A 187 -8.13 9.81 -11.12
CA MET A 187 -7.06 9.60 -12.09
C MET A 187 -6.08 8.54 -11.61
N VAL A 188 -5.73 8.56 -10.32
CA VAL A 188 -4.76 7.59 -9.82
C VAL A 188 -5.36 6.19 -9.82
N TRP A 189 -6.64 6.05 -9.45
CA TRP A 189 -7.29 4.75 -9.58
C TRP A 189 -7.29 4.28 -11.02
N ILE A 190 -7.58 5.18 -11.96
CA ILE A 190 -7.65 4.79 -13.37
C ILE A 190 -6.30 4.29 -13.84
N VAL A 191 -5.22 5.02 -13.51
CA VAL A 191 -3.91 4.64 -14.02
C VAL A 191 -3.43 3.34 -13.37
N SER A 192 -3.66 3.19 -12.06
CA SER A 192 -3.26 1.95 -11.40
C SER A 192 -4.02 0.75 -11.95
N GLY A 193 -5.34 0.90 -12.12
CA GLY A 193 -6.13 -0.18 -12.67
C GLY A 193 -5.74 -0.53 -14.09
N LEU A 194 -5.40 0.48 -14.90
CA LEU A 194 -4.95 0.20 -16.26
C LEU A 194 -3.65 -0.58 -16.24
N THR A 195 -2.64 -0.08 -15.52
CA THR A 195 -1.35 -0.77 -15.51
C THR A 195 -1.40 -2.11 -14.78
N SER A 196 -2.49 -2.40 -14.07
CA SER A 196 -2.65 -3.72 -13.49
C SER A 196 -3.38 -4.69 -14.41
N PHE A 197 -4.59 -4.32 -14.86
CA PHE A 197 -5.38 -5.23 -15.69
C PHE A 197 -4.76 -5.43 -17.07
N LEU A 198 -4.38 -4.35 -17.75
CA LEU A 198 -3.96 -4.47 -19.15
C LEU A 198 -2.83 -5.47 -19.36
N PRO A 199 -1.76 -5.49 -18.56
CA PRO A 199 -0.72 -6.51 -18.80
C PRO A 199 -1.13 -7.90 -18.33
N ILE A 200 -1.84 -8.00 -17.21
CA ILE A 200 -2.14 -9.30 -16.63
C ILE A 200 -3.12 -10.08 -17.51
N GLN A 201 -4.21 -9.44 -17.92
CA GLN A 201 -5.26 -10.16 -18.63
C GLN A 201 -4.89 -10.44 -20.07
N MET A 202 -4.19 -9.53 -20.74
CA MET A 202 -3.81 -9.76 -22.12
C MET A 202 -2.71 -10.80 -22.29
N HIS A 203 -2.28 -11.43 -21.20
CA HIS A 203 -1.23 -12.45 -21.24
C HIS A 203 0.05 -11.92 -21.86
N TRP A 204 0.38 -10.67 -21.54
CA TRP A 204 1.63 -10.05 -21.98
C TRP A 204 2.75 -10.25 -20.97
N TYR A 205 2.49 -10.92 -19.85
CA TYR A 205 3.49 -11.13 -18.82
C TYR A 205 4.09 -12.53 -18.81
N ARG A 206 3.62 -13.42 -19.68
CA ARG A 206 4.10 -14.79 -19.70
C ARG A 206 5.55 -14.85 -20.17
N ALA A 207 6.22 -15.94 -19.79
CA ALA A 207 7.62 -16.15 -20.13
C ALA A 207 7.73 -17.29 -21.14
N THR A 208 8.84 -17.29 -21.87
CA THR A 208 9.06 -18.27 -22.93
C THR A 208 9.77 -19.52 -22.43
N HIS A 209 10.44 -19.46 -21.28
CA HIS A 209 11.19 -20.61 -20.80
C HIS A 209 10.29 -21.81 -20.54
N GLN A 210 10.73 -22.98 -20.97
CA GLN A 210 9.91 -24.19 -20.91
C GLN A 210 9.61 -24.60 -19.48
N GLU A 211 10.40 -24.13 -18.51
CA GLU A 211 10.09 -24.39 -17.12
C GLU A 211 8.78 -23.73 -16.75
N ALA A 212 7.95 -24.45 -15.99
CA ALA A 212 6.68 -23.97 -15.45
C ALA A 212 5.67 -23.58 -16.54
N ILE A 213 5.98 -23.82 -17.81
CA ILE A 213 5.00 -23.56 -18.85
C ILE A 213 3.81 -24.50 -18.71
N ASN A 214 4.04 -25.70 -18.18
CA ASN A 214 2.93 -26.60 -17.89
C ASN A 214 2.02 -26.00 -16.83
N CYS A 215 2.61 -25.38 -15.80
CA CYS A 215 1.81 -24.75 -14.75
C CYS A 215 0.94 -23.64 -15.34
N TYR A 216 1.49 -22.85 -16.26
CA TYR A 216 0.69 -21.86 -16.95
C TYR A 216 -0.40 -22.52 -17.78
N ALA A 217 -0.08 -23.62 -18.45
CA ALA A 217 -1.07 -24.31 -19.27
C ALA A 217 -2.08 -25.08 -18.42
N GLU A 218 -1.61 -25.77 -17.39
CA GLU A 218 -2.50 -26.55 -16.55
C GLU A 218 -3.32 -25.64 -15.64
N GLU A 219 -4.49 -26.12 -15.25
CA GLU A 219 -5.42 -25.37 -14.40
C GLU A 219 -5.45 -25.94 -12.98
N THR A 220 -4.29 -26.37 -12.47
CA THR A 220 -4.21 -26.93 -11.14
C THR A 220 -3.19 -26.26 -10.23
N CYS A 221 -2.25 -25.49 -10.77
CA CYS A 221 -1.20 -24.85 -9.97
C CYS A 221 -1.11 -23.38 -10.33
N CYS A 222 -0.75 -22.57 -9.34
CA CYS A 222 -0.66 -21.12 -9.49
C CYS A 222 0.71 -20.65 -9.02
N ASP A 223 1.61 -20.41 -9.97
CA ASP A 223 2.92 -19.83 -9.69
C ASP A 223 3.09 -18.55 -10.47
N PHE A 224 3.83 -17.61 -9.89
CA PHE A 224 4.06 -16.31 -10.52
C PHE A 224 5.38 -16.35 -11.26
N PHE A 225 5.32 -16.22 -12.58
CA PHE A 225 6.51 -16.10 -13.42
C PHE A 225 6.33 -14.89 -14.32
N THR A 226 7.36 -14.05 -14.40
CA THR A 226 7.28 -12.80 -15.14
C THR A 226 8.47 -12.65 -16.06
N ASN A 227 8.26 -11.91 -17.14
CA ASN A 227 9.33 -11.62 -18.10
C ASN A 227 10.30 -10.59 -17.51
N GLN A 228 11.48 -10.51 -18.13
CA GLN A 228 12.51 -9.60 -17.63
C GLN A 228 12.07 -8.15 -17.72
N ALA A 229 11.48 -7.75 -18.85
CA ALA A 229 11.18 -6.34 -19.05
C ALA A 229 10.06 -5.86 -18.13
N TYR A 230 8.99 -6.64 -18.00
CA TYR A 230 7.82 -6.16 -17.28
C TYR A 230 8.12 -5.90 -15.81
N ALA A 231 8.91 -6.77 -15.17
CA ALA A 231 9.15 -6.64 -13.75
C ALA A 231 9.85 -5.32 -13.41
N ILE A 232 10.88 -4.97 -14.19
CA ILE A 232 11.65 -3.75 -13.91
C ILE A 232 10.76 -2.52 -14.07
N ALA A 233 10.00 -2.47 -15.15
CA ALA A 233 9.13 -1.31 -15.39
C ALA A 233 8.07 -1.21 -14.31
N SER A 234 7.47 -2.33 -13.92
CA SER A 234 6.45 -2.30 -12.87
C SER A 234 7.03 -1.83 -11.54
N SER A 235 8.21 -2.34 -11.18
CA SER A 235 8.83 -1.92 -9.93
C SER A 235 9.17 -0.44 -9.95
N ILE A 236 9.68 0.05 -11.08
CA ILE A 236 10.02 1.47 -11.17
C ILE A 236 8.77 2.33 -11.07
N VAL A 237 7.70 1.95 -11.79
CA VAL A 237 6.51 2.79 -11.83
C VAL A 237 5.67 2.69 -10.56
N SER A 238 5.88 1.65 -9.75
CA SER A 238 5.04 1.49 -8.56
C SER A 238 5.77 1.77 -7.25
N PHE A 239 7.11 1.74 -7.23
CA PHE A 239 7.83 1.87 -5.97
C PHE A 239 8.78 3.05 -5.92
N TYR A 240 9.64 3.22 -6.93
CA TYR A 240 10.77 4.13 -6.78
C TYR A 240 10.32 5.60 -6.82
N VAL A 241 9.44 5.95 -7.75
CA VAL A 241 8.99 7.33 -7.86
C VAL A 241 8.29 7.81 -6.59
N PRO A 242 7.31 7.08 -6.03
CA PRO A 242 6.74 7.52 -4.75
C PRO A 242 7.77 7.63 -3.65
N LEU A 243 8.75 6.72 -3.62
CA LEU A 243 9.77 6.77 -2.58
C LEU A 243 10.59 8.05 -2.66
N VAL A 244 11.08 8.38 -3.86
CA VAL A 244 11.92 9.56 -3.99
C VAL A 244 11.10 10.83 -3.73
N ILE A 245 9.86 10.88 -4.23
CA ILE A 245 9.04 12.06 -3.99
C ILE A 245 8.78 12.25 -2.50
N MET A 246 8.43 11.16 -1.80
CA MET A 246 8.17 11.25 -0.37
C MET A 246 9.41 11.67 0.40
N VAL A 247 10.57 11.12 0.04
CA VAL A 247 11.80 11.47 0.74
C VAL A 247 12.10 12.96 0.57
N PHE A 248 11.99 13.46 -0.65
CA PHE A 248 12.30 14.87 -0.90
C PHE A 248 11.34 15.79 -0.15
N VAL A 249 10.03 15.51 -0.24
CA VAL A 249 9.07 16.40 0.39
C VAL A 249 9.21 16.36 1.91
N TYR A 250 9.51 15.19 2.47
CA TYR A 250 9.67 15.11 3.92
C TYR A 250 10.95 15.79 4.38
N SER A 251 12.01 15.75 3.57
CA SER A 251 13.21 16.51 3.90
C SER A 251 12.90 18.01 3.93
N ARG A 252 12.15 18.49 2.94
CA ARG A 252 11.77 19.90 2.93
C ARG A 252 10.92 20.25 4.16
N VAL A 253 9.98 19.38 4.52
CA VAL A 253 9.13 19.64 5.67
C VAL A 253 9.97 19.71 6.94
N PHE A 254 10.92 18.78 7.10
CA PHE A 254 11.78 18.79 8.28
C PHE A 254 12.62 20.05 8.34
N GLN A 255 13.14 20.50 7.19
CA GLN A 255 13.90 21.75 7.18
C GLN A 255 13.05 22.92 7.63
N GLU A 256 11.81 23.00 7.13
CA GLU A 256 10.92 24.08 7.53
C GLU A 256 10.64 24.04 9.03
N ALA A 257 10.39 22.84 9.57
CA ALA A 257 10.11 22.70 10.99
C ALA A 257 11.31 23.13 11.83
N LYS A 258 12.51 22.74 11.42
CA LYS A 258 13.71 23.15 12.15
C LYS A 258 13.88 24.66 12.11
N ARG A 259 13.63 25.28 10.96
CA ARG A 259 13.72 26.73 10.87
C ARG A 259 12.73 27.41 11.82
N GLN A 260 11.49 26.92 11.84
CA GLN A 260 10.49 27.51 12.73
C GLN A 260 10.88 27.35 14.19
N LEU A 261 11.39 26.17 14.56
CA LEU A 261 11.80 25.95 15.95
C LEU A 261 12.94 26.89 16.33
N GLN A 262 13.91 27.09 15.44
CA GLN A 262 14.98 28.04 15.72
C GLN A 262 14.44 29.44 15.88
N LYS A 263 13.50 29.84 15.02
CA LYS A 263 12.92 31.18 15.13
C LYS A 263 12.23 31.36 16.46
N ILE A 264 11.47 30.35 16.91
CA ILE A 264 10.80 30.45 18.21
C ILE A 264 11.82 30.53 19.33
N ASP A 265 12.87 29.72 19.27
CA ASP A 265 13.90 29.74 20.31
C ASP A 265 14.68 31.05 20.33
N LYS A 266 14.63 31.82 19.24
CA LYS A 266 15.36 33.09 19.21
C LYS A 266 14.89 34.02 20.31
N SER A 267 13.59 34.10 20.55
CA SER A 267 13.02 34.94 21.60
C SER A 267 12.33 34.03 22.62
N GLU A 268 13.11 33.55 23.59
CA GLU A 268 12.60 32.62 24.59
C GLU A 268 13.46 32.72 25.84
N GLY A 269 13.17 31.86 26.81
CA GLY A 269 13.83 31.92 28.10
C GLY A 269 13.06 32.64 29.17
N ARG A 270 11.80 32.99 28.92
CA ARG A 270 10.95 33.70 29.88
C ARG A 270 11.57 35.02 30.31
N HIS A 300 14.79 17.61 18.79
CA HIS A 300 13.59 17.83 18.00
C HIS A 300 12.59 16.69 18.18
N LYS A 301 11.55 16.95 18.97
CA LYS A 301 10.53 15.92 19.22
C LYS A 301 9.77 15.59 17.95
N ALA A 302 9.51 16.59 17.09
CA ALA A 302 8.71 16.37 15.89
C ALA A 302 9.32 15.30 15.00
N LEU A 303 10.64 15.09 15.08
CA LEU A 303 11.29 14.03 14.31
C LEU A 303 10.61 12.69 14.54
N LYS A 304 10.22 12.40 15.78
CA LYS A 304 9.55 11.14 16.07
C LYS A 304 8.27 11.00 15.26
N THR A 305 7.50 12.10 15.13
CA THR A 305 6.29 12.06 14.31
C THR A 305 6.63 11.68 12.88
N LEU A 306 7.76 12.17 12.36
CA LEU A 306 8.22 11.73 11.05
C LEU A 306 8.87 10.34 11.13
N GLY A 307 9.55 10.06 12.24
CA GLY A 307 10.40 8.87 12.28
C GLY A 307 9.65 7.59 11.96
N ILE A 308 8.42 7.48 12.45
CA ILE A 308 7.61 6.30 12.12
C ILE A 308 7.06 6.41 10.70
N ILE A 309 6.55 7.57 10.30
CA ILE A 309 5.67 7.64 9.13
C ILE A 309 6.41 7.23 7.87
N MET A 310 7.73 7.37 7.85
CA MET A 310 8.52 6.86 6.74
C MET A 310 9.16 5.52 7.07
N GLY A 311 9.60 5.34 8.32
CA GLY A 311 10.37 4.15 8.66
C GLY A 311 9.59 2.87 8.44
N THR A 312 8.36 2.81 8.96
CA THR A 312 7.53 1.64 8.77
C THR A 312 7.24 1.39 7.29
N PHE A 313 7.35 2.40 6.45
CA PHE A 313 7.23 2.18 5.02
C PHE A 313 8.48 1.51 4.46
N THR A 314 9.66 1.98 4.87
CA THR A 314 10.90 1.46 4.30
C THR A 314 11.10 -0.01 4.63
N LEU A 315 11.28 -0.31 5.92
CA LEU A 315 11.66 -1.66 6.33
C LEU A 315 10.62 -2.69 5.96
N CYS A 316 9.39 -2.27 5.65
CA CYS A 316 8.34 -3.22 5.28
C CYS A 316 8.15 -3.35 3.78
N TRP A 317 8.68 -2.44 2.97
CA TRP A 317 8.46 -2.47 1.53
C TRP A 317 9.72 -2.36 0.70
N LEU A 318 10.79 -1.77 1.23
CA LEU A 318 12.04 -1.67 0.46
C LEU A 318 12.62 -3.03 0.07
N PRO A 319 12.72 -4.03 0.96
CA PRO A 319 13.44 -5.25 0.55
C PRO A 319 12.78 -6.02 -0.57
N PHE A 320 11.46 -6.21 -0.51
CA PHE A 320 10.78 -7.09 -1.47
C PHE A 320 11.06 -6.66 -2.91
N PHE A 321 10.84 -5.38 -3.22
CA PHE A 321 11.05 -4.93 -4.59
C PHE A 321 12.52 -5.06 -4.97
N ILE A 322 13.43 -4.88 -4.00
CA ILE A 322 14.85 -5.13 -4.27
C ILE A 322 15.05 -6.58 -4.69
N VAL A 323 14.33 -7.51 -4.05
CA VAL A 323 14.34 -8.89 -4.51
C VAL A 323 13.65 -9.01 -5.86
N ASN A 324 12.54 -8.28 -6.05
CA ASN A 324 11.70 -8.45 -7.23
C ASN A 324 12.43 -8.13 -8.52
N ILE A 325 13.67 -7.68 -8.45
CA ILE A 325 14.49 -7.42 -9.63
C ILE A 325 15.58 -8.46 -9.79
N VAL A 326 16.18 -8.90 -8.68
CA VAL A 326 17.42 -9.67 -8.76
C VAL A 326 17.19 -11.02 -9.45
N HIS A 327 16.03 -11.65 -9.20
CA HIS A 327 15.77 -12.93 -9.85
C HIS A 327 15.62 -12.78 -11.36
N VAL A 328 15.26 -11.58 -11.84
CA VAL A 328 15.26 -11.33 -13.27
C VAL A 328 16.67 -11.42 -13.82
N ILE A 329 17.66 -10.99 -13.05
CA ILE A 329 19.06 -11.14 -13.41
C ILE A 329 19.41 -12.62 -13.42
N GLN A 330 20.56 -12.97 -14.00
CA GLN A 330 20.91 -14.36 -14.20
C GLN A 330 21.13 -15.12 -12.89
N ASP A 331 21.29 -14.41 -11.77
CA ASP A 331 21.53 -15.07 -10.50
C ASP A 331 20.32 -15.89 -10.07
N ASN A 332 20.59 -17.05 -9.45
CA ASN A 332 19.57 -17.93 -8.91
C ASN A 332 19.65 -18.00 -7.39
N LEU A 333 19.96 -16.86 -6.77
CA LEU A 333 20.22 -16.85 -5.33
C LEU A 333 18.97 -17.13 -4.52
N ILE A 334 17.86 -16.46 -4.85
CA ILE A 334 16.67 -16.53 -4.01
C ILE A 334 15.95 -17.86 -4.22
N ARG A 335 15.15 -18.23 -3.23
CA ARG A 335 14.29 -19.40 -3.29
C ARG A 335 12.84 -18.97 -3.27
N LYS A 336 11.95 -19.89 -3.67
CA LYS A 336 10.54 -19.56 -3.79
C LYS A 336 9.93 -19.22 -2.44
N GLU A 337 10.32 -19.96 -1.39
CA GLU A 337 9.77 -19.72 -0.07
C GLU A 337 10.10 -18.31 0.43
N VAL A 338 11.34 -17.87 0.21
CA VAL A 338 11.74 -16.53 0.62
C VAL A 338 10.93 -15.49 -0.13
N TYR A 339 10.73 -15.69 -1.43
CA TYR A 339 9.93 -14.76 -2.22
C TYR A 339 8.51 -14.67 -1.68
N ILE A 340 7.92 -15.82 -1.37
CA ILE A 340 6.56 -15.84 -0.84
C ILE A 340 6.50 -15.11 0.49
N LEU A 341 7.48 -15.34 1.37
CA LEU A 341 7.45 -14.72 2.69
C LEU A 341 7.61 -13.21 2.60
N LEU A 342 8.53 -12.73 1.76
CA LEU A 342 8.70 -11.29 1.60
C LEU A 342 7.47 -10.64 0.97
N ASN A 343 6.81 -11.33 0.03
CA ASN A 343 5.54 -10.79 -0.47
C ASN A 343 4.47 -10.78 0.62
N TRP A 344 4.46 -11.81 1.47
CA TRP A 344 3.46 -11.90 2.52
C TRP A 344 3.61 -10.78 3.54
N ILE A 345 4.85 -10.42 3.87
CA ILE A 345 5.09 -9.38 4.87
C ILE A 345 4.46 -8.06 4.44
N GLY A 346 4.44 -7.79 3.14
CA GLY A 346 3.82 -6.57 2.65
C GLY A 346 2.33 -6.49 2.93
N TYR A 347 1.64 -7.64 2.93
CA TYR A 347 0.22 -7.66 3.26
C TYR A 347 0.00 -7.18 4.68
N VAL A 348 0.78 -7.68 5.63
CA VAL A 348 0.64 -7.26 7.02
C VAL A 348 1.02 -5.80 7.17
N ASN A 349 2.03 -5.35 6.43
CA ASN A 349 2.42 -3.95 6.48
C ASN A 349 1.28 -3.06 6.01
N SER A 350 0.64 -3.42 4.90
CA SER A 350 -0.47 -2.63 4.37
C SER A 350 -1.65 -2.66 5.33
N GLY A 351 -1.89 -3.80 5.98
CA GLY A 351 -2.97 -3.88 6.95
C GLY A 351 -2.73 -3.00 8.16
N PHE A 352 -1.49 -2.95 8.65
CA PHE A 352 -1.17 -2.17 9.84
C PHE A 352 -0.96 -0.69 9.54
N ASN A 353 -0.75 -0.32 8.28
CA ASN A 353 -0.48 1.09 7.96
C ASN A 353 -1.60 2.04 8.35
N PRO A 354 -2.85 1.85 7.93
CA PRO A 354 -3.87 2.90 8.17
C PRO A 354 -4.16 3.14 9.63
N LEU A 355 -4.11 2.11 10.48
CA LEU A 355 -4.38 2.30 11.90
C LEU A 355 -3.32 3.19 12.54
N ILE A 356 -2.06 2.95 12.22
CA ILE A 356 -0.99 3.76 12.78
C ILE A 356 -1.00 5.16 12.18
N TYR A 357 -1.38 5.27 10.90
CA TYR A 357 -1.30 6.55 10.21
C TYR A 357 -2.24 7.62 10.76
N CYS A 358 -3.48 7.28 11.09
CA CYS A 358 -4.52 8.27 11.37
C CYS A 358 -4.95 8.16 12.83
N ARG A 359 -4.48 9.10 13.64
CA ARG A 359 -4.91 9.25 15.03
C ARG A 359 -5.12 10.72 15.31
N SER A 360 -6.23 11.04 15.98
CA SER A 360 -6.57 12.41 16.32
C SER A 360 -7.58 12.40 17.44
N PRO A 361 -7.53 13.38 18.35
CA PRO A 361 -8.54 13.43 19.41
C PRO A 361 -9.96 13.50 18.89
N ASP A 362 -10.20 14.25 17.82
CA ASP A 362 -11.52 14.24 17.19
C ASP A 362 -11.83 12.87 16.61
N PHE A 363 -10.86 12.25 15.94
CA PHE A 363 -11.09 10.91 15.41
C PHE A 363 -11.20 9.89 16.53
N ARG A 364 -10.46 10.10 17.61
CA ARG A 364 -10.57 9.20 18.77
C ARG A 364 -11.96 9.26 19.37
N ILE A 365 -12.52 10.46 19.56
CA ILE A 365 -13.87 10.56 20.11
C ILE A 365 -14.89 10.07 19.09
N ALA A 366 -14.56 10.17 17.80
CA ALA A 366 -15.42 9.60 16.77
C ALA A 366 -15.51 8.09 16.91
N PHE A 367 -14.37 7.43 17.15
CA PHE A 367 -14.41 6.01 17.49
C PHE A 367 -15.19 5.79 18.77
N GLN A 368 -15.00 6.64 19.76
CA GLN A 368 -15.62 6.45 21.07
C GLN A 368 -17.14 6.48 20.98
N GLU A 369 -17.69 7.39 20.20
CA GLU A 369 -19.15 7.50 20.10
C GLU A 369 -19.76 6.26 19.48
N LEU A 370 -19.12 5.70 18.45
CA LEU A 370 -19.68 4.52 17.79
C LEU A 370 -19.67 3.32 18.73
N LEU A 371 -18.73 3.28 19.67
CA LEU A 371 -18.66 2.18 20.63
C LEU A 371 -19.16 2.63 22.00
CAA G1I B . 2.76 -6.60 -6.48
CAB G1I B . 3.06 -5.47 -7.22
CAC G1I B . 3.93 -5.52 -8.32
CAD G1I B . 4.49 -6.81 -8.65
CAE G1I B . 4.16 -7.98 -7.87
CAF G1I B . 3.28 -7.87 -6.78
CAG G1I B . 4.77 -9.34 -8.24
CAH G1I B . 4.02 -10.62 -7.73
CAI G1I B . 2.74 -10.37 -6.93
CAJ G1I B . 2.95 -9.14 -5.97
CAO G1I B . 2.16 -12.80 -7.04
NAN G1I B . 2.30 -11.60 -6.21
OAK G1I B . 5.32 -6.90 -9.68
OAL G1I B . 4.26 -4.46 -9.06
OAM G1I B . 1.77 -8.96 -5.25
#